data_5K0G
#
_entry.id   5K0G
#
_cell.length_a   62.657
_cell.length_b   69.834
_cell.length_c   67.372
_cell.angle_alpha   90.000
_cell.angle_beta   106.890
_cell.angle_gamma   90.000
#
_symmetry.space_group_name_H-M   'P 1 21 1'
#
loop_
_entity.id
_entity.type
_entity.pdbx_description
1 polymer 'Catechol O-methyltransferase'
2 non-polymer '2-[N-CYCLOHEXYLAMINO]ETHANE SULFONIC ACID'
3 non-polymer "5-[(1S)-1-(4-methoxyphenyl)ethyl]-1',3'-dimethyl-1'H,2H-3,4'-bipyrazole"
4 non-polymer 'SODIUM ION'
5 water water
#
_entity_poly.entity_id   1
_entity_poly.type   'polypeptide(L)'
_entity_poly.pdbx_seq_one_letter_code
;GDTKEQRILRYVQQNAKPGDPQSVLEAIDTYCTQKEWAMNVGDAKGQIMDAVIREYSPSLVLELGAYCGYSAVRMARLLQ
PGARLLTMEINPDCAAITQQMLNFAGLQDKVTILNGASQDLIPQLKKKYDVDTLDMVFLDHWKDRYLPDTLLLEECGLLR
KGTVLLADNVIVPGTPDFLAYVRGSSSFECTHYSSYLEYMKVVDGLEKAIYQGPSSPDKS
;
_entity_poly.pdbx_strand_id   A,B
#
loop_
_chem_comp.id
_chem_comp.type
_chem_comp.name
_chem_comp.formula
6PM non-polymer 5-[(1S)-1-(4-methoxyphenyl)ethyl]-1',3'-dimethyl-1'H,2H-3,4'-bipyrazole 'C17 H20 N4 O'
NA non-polymer 'SODIUM ION' 'Na 1'
NHE non-polymer '2-[N-CYCLOHEXYLAMINO]ETHANE SULFONIC ACID' 'C8 H17 N O3 S'
#
# COMPACT_ATOMS: atom_id res chain seq x y z
N GLY A 1 -18.84 -4.33 -3.54
CA GLY A 1 -18.37 -5.68 -3.26
C GLY A 1 -17.54 -5.77 -2.01
N ASP A 2 -17.12 -6.99 -1.67
CA ASP A 2 -16.37 -7.23 -0.44
C ASP A 2 -14.92 -6.77 -0.54
N THR A 3 -14.39 -6.27 0.56
CA THR A 3 -12.98 -5.89 0.62
C THR A 3 -12.37 -6.52 1.87
N LYS A 4 -11.04 -6.61 1.90
CA LYS A 4 -10.33 -7.11 3.05
C LYS A 4 -10.65 -6.30 4.30
N GLU A 5 -10.73 -4.98 4.14
CA GLU A 5 -11.00 -4.10 5.29
C GLU A 5 -12.43 -4.33 5.83
N GLN A 6 -13.41 -4.53 4.94
CA GLN A 6 -14.75 -4.89 5.38
C GLN A 6 -14.75 -6.24 6.12
N ARG A 7 -13.93 -7.16 5.64
CA ARG A 7 -13.81 -8.48 6.26
C ARG A 7 -13.20 -8.44 7.66
N ILE A 8 -12.17 -7.62 7.84
CA ILE A 8 -11.62 -7.40 9.17
C ILE A 8 -12.69 -6.85 10.09
N LEU A 9 -13.43 -5.84 9.64
CA LEU A 9 -14.44 -5.24 10.49
C LEU A 9 -15.53 -6.27 10.85
N ARG A 10 -15.97 -7.04 9.86
CA ARG A 10 -17.01 -8.07 10.09
C ARG A 10 -16.54 -9.09 11.11
N TYR A 11 -15.30 -9.50 10.99
CA TYR A 11 -14.73 -10.49 11.89
C TYR A 11 -14.73 -9.98 13.34
N VAL A 12 -14.35 -8.71 13.52
CA VAL A 12 -14.40 -8.10 14.84
C VAL A 12 -15.83 -8.07 15.40
N GLN A 13 -16.77 -7.62 14.58
CA GLN A 13 -18.15 -7.47 15.04
C GLN A 13 -18.76 -8.81 15.39
N GLN A 14 -18.31 -9.87 14.72
CA GLN A 14 -18.79 -11.21 15.01
CA GLN A 14 -18.81 -11.19 15.04
C GLN A 14 -18.19 -11.76 16.31
N ASN A 15 -16.87 -11.61 16.45
CA ASN A 15 -16.11 -12.31 17.50
C ASN A 15 -15.64 -11.52 18.72
N ALA A 16 -15.52 -10.20 18.59
CA ALA A 16 -15.15 -9.37 19.73
C ALA A 16 -16.40 -9.04 20.52
N LYS A 17 -16.24 -8.28 21.59
CA LYS A 17 -17.36 -7.78 22.37
C LYS A 17 -17.42 -6.28 22.32
N PRO A 18 -18.60 -5.71 22.05
CA PRO A 18 -18.80 -4.26 21.96
C PRO A 18 -18.42 -3.59 23.28
N GLY A 19 -17.67 -2.49 23.23
CA GLY A 19 -17.30 -1.76 24.43
C GLY A 19 -16.07 -2.36 25.10
N ASP A 20 -15.51 -3.38 24.46
CA ASP A 20 -14.30 -4.06 24.96
C ASP A 20 -13.16 -3.90 23.95
N PRO A 21 -12.39 -2.81 24.06
CA PRO A 21 -11.29 -2.55 23.12
C PRO A 21 -10.29 -3.70 23.06
N GLN A 22 -10.00 -4.33 24.19
CA GLN A 22 -9.01 -5.40 24.20
C GLN A 22 -9.46 -6.59 23.34
N SER A 23 -10.74 -6.95 23.39
CA SER A 23 -11.22 -8.06 22.57
C SER A 23 -11.15 -7.69 21.08
N VAL A 24 -11.36 -6.42 20.79
CA VAL A 24 -11.25 -5.93 19.42
C VAL A 24 -9.81 -6.08 18.90
N LEU A 25 -8.85 -5.65 19.71
CA LEU A 25 -7.44 -5.86 19.33
C LEU A 25 -7.14 -7.33 19.09
N GLU A 26 -7.63 -8.18 19.98
CA GLU A 26 -7.35 -9.60 19.86
C GLU A 26 -7.99 -10.21 18.63
N ALA A 27 -9.20 -9.78 18.29
CA ALA A 27 -9.86 -10.24 17.06
C ALA A 27 -9.10 -9.83 15.80
N ILE A 28 -8.64 -8.59 15.77
CA ILE A 28 -7.89 -8.12 14.59
C ILE A 28 -6.57 -8.86 14.44
N ASP A 29 -5.85 -9.06 15.54
CA ASP A 29 -4.58 -9.75 15.50
C ASP A 29 -4.77 -11.21 15.13
N THR A 30 -5.85 -11.80 15.60
CA THR A 30 -6.15 -13.17 15.22
C THR A 30 -6.46 -13.25 13.73
N TYR A 31 -7.28 -12.32 13.26
CA TYR A 31 -7.66 -12.30 11.86
C TYR A 31 -6.43 -12.17 10.97
N CYS A 32 -5.58 -11.20 11.31
CA CYS A 32 -4.48 -10.86 10.42
C CYS A 32 -3.37 -11.90 10.48
N THR A 33 -3.33 -12.69 11.54
CA THR A 33 -2.31 -13.73 11.64
C THR A 33 -2.82 -15.13 11.25
N GLN A 34 -4.14 -15.32 11.22
CA GLN A 34 -4.68 -16.64 10.92
C GLN A 34 -5.54 -16.71 9.66
N LYS A 35 -6.20 -15.61 9.30
CA LYS A 35 -7.18 -15.66 8.22
C LYS A 35 -6.69 -14.98 6.94
N GLU A 36 -6.15 -13.79 7.07
CA GLU A 36 -5.84 -12.98 5.91
C GLU A 36 -4.85 -11.87 6.31
N TRP A 37 -3.70 -11.83 5.66
CA TRP A 37 -2.70 -10.80 5.95
C TRP A 37 -3.30 -9.43 5.74
N ALA A 38 -2.95 -8.49 6.60
CA ALA A 38 -3.27 -7.09 6.36
C ALA A 38 -2.22 -6.19 6.99
N MET A 39 -2.04 -4.99 6.44
CA MET A 39 -1.19 -3.99 7.08
C MET A 39 -1.68 -3.84 8.51
N ASN A 40 -0.88 -4.32 9.45
CA ASN A 40 -1.26 -4.26 10.84
C ASN A 40 -0.06 -4.11 11.73
N VAL A 41 -0.12 -3.16 12.64
CA VAL A 41 0.98 -2.96 13.56
C VAL A 41 1.26 -4.28 14.32
N GLY A 42 0.20 -4.99 14.72
CA GLY A 42 0.36 -6.27 15.41
C GLY A 42 0.59 -6.15 16.91
N ASP A 43 0.41 -7.24 17.65
CA ASP A 43 0.41 -7.13 19.11
C ASP A 43 1.78 -6.79 19.70
N ALA A 44 2.84 -7.26 19.06
CA ALA A 44 4.19 -7.05 19.62
C ALA A 44 4.55 -5.56 19.63
N LYS A 45 4.41 -4.91 18.49
CA LYS A 45 4.66 -3.47 18.46
C LYS A 45 3.60 -2.75 19.29
N GLY A 46 2.41 -3.33 19.35
CA GLY A 46 1.34 -2.75 20.13
C GLY A 46 1.68 -2.64 21.60
N GLN A 47 2.44 -3.60 22.12
CA GLN A 47 2.87 -3.53 23.50
CA GLN A 47 2.94 -3.58 23.49
C GLN A 47 3.85 -2.38 23.72
N ILE A 48 4.70 -2.10 22.73
CA ILE A 48 5.61 -0.97 22.78
C ILE A 48 4.81 0.34 22.79
N MET A 49 3.82 0.43 21.91
CA MET A 49 2.91 1.58 21.89
C MET A 49 2.24 1.79 23.25
N ASP A 50 1.68 0.72 23.82
CA ASP A 50 1.06 0.77 25.14
C ASP A 50 2.00 1.38 26.17
N ALA A 51 3.24 0.91 26.17
CA ALA A 51 4.21 1.33 27.18
C ALA A 51 4.56 2.83 27.05
N VAL A 52 4.63 3.30 25.81
CA VAL A 52 4.89 4.71 25.54
C VAL A 52 3.72 5.57 26.01
N ILE A 53 2.51 5.14 25.66
CA ILE A 53 1.30 5.82 26.11
C ILE A 53 1.22 5.88 27.62
N ARG A 54 1.52 4.77 28.27
CA ARG A 54 1.47 4.72 29.72
C ARG A 54 2.57 5.56 30.34
N GLU A 55 3.77 5.55 29.75
CA GLU A 55 4.84 6.36 30.31
C GLU A 55 4.54 7.86 30.22
N TYR A 56 4.05 8.34 29.08
CA TYR A 56 3.92 9.78 28.87
C TYR A 56 2.51 10.34 29.11
N SER A 57 1.55 9.43 29.29
CA SER A 57 0.11 9.73 29.36
C SER A 57 -0.25 11.02 28.62
N PRO A 58 -0.13 11.00 27.29
CA PRO A 58 -0.42 12.16 26.46
C PRO A 58 -1.89 12.58 26.57
N SER A 59 -2.16 13.88 26.53
CA SER A 59 -3.54 14.34 26.55
C SER A 59 -4.08 14.55 25.15
N LEU A 60 -3.17 14.81 24.22
CA LEU A 60 -3.53 14.98 22.82
C LEU A 60 -2.56 14.23 21.92
N VAL A 61 -3.11 13.27 21.19
CA VAL A 61 -2.35 12.38 20.32
C VAL A 61 -2.80 12.57 18.88
N LEU A 62 -1.84 12.67 17.96
CA LEU A 62 -2.14 12.69 16.55
C LEU A 62 -1.63 11.38 15.93
N GLU A 63 -2.51 10.67 15.26
CA GLU A 63 -2.14 9.46 14.54
C GLU A 63 -2.17 9.72 13.03
N LEU A 64 -1.12 9.34 12.31
CA LEU A 64 -1.11 9.43 10.84
C LEU A 64 -1.24 8.04 10.21
N GLY A 65 -2.36 7.79 9.54
CA GLY A 65 -2.59 6.53 8.84
C GLY A 65 -3.42 5.49 9.61
N ALA A 66 -4.68 5.80 9.89
CA ALA A 66 -5.51 4.96 10.75
C ALA A 66 -5.75 3.56 10.16
N TYR A 67 -5.84 3.47 8.83
CA TYR A 67 -6.20 2.26 8.10
C TYR A 67 -7.55 1.69 8.58
N CYS A 68 -7.54 0.57 9.30
CA CYS A 68 -8.81 0.02 9.81
C CYS A 68 -9.12 0.37 11.25
N GLY A 69 -8.23 1.09 11.92
CA GLY A 69 -8.50 1.55 13.27
C GLY A 69 -7.79 0.75 14.36
N TYR A 70 -6.95 -0.21 13.98
CA TYR A 70 -6.26 -0.99 15.00
C TYR A 70 -5.46 -0.11 16.00
N SER A 71 -4.57 0.71 15.47
CA SER A 71 -3.76 1.58 16.32
C SER A 71 -4.58 2.62 17.04
N ALA A 72 -5.64 3.10 16.40
CA ALA A 72 -6.54 4.04 17.06
C ALA A 72 -7.19 3.38 18.29
N VAL A 73 -7.63 2.13 18.15
CA VAL A 73 -8.20 1.41 19.28
C VAL A 73 -7.12 1.17 20.33
N ARG A 74 -5.96 0.74 19.87
CA ARG A 74 -4.82 0.50 20.74
C ARG A 74 -4.51 1.72 21.62
N MET A 75 -4.42 2.89 21.00
CA MET A 75 -4.02 4.07 21.75
C MET A 75 -5.18 4.67 22.53
N ALA A 76 -6.34 4.80 21.90
CA ALA A 76 -7.46 5.52 22.53
C ALA A 76 -7.96 4.79 23.78
N ARG A 77 -7.79 3.47 23.82
CA ARG A 77 -8.25 2.73 25.00
C ARG A 77 -7.43 3.08 26.24
N LEU A 78 -6.23 3.62 26.05
CA LEU A 78 -5.36 3.93 27.18
C LEU A 78 -5.38 5.41 27.55
N LEU A 79 -6.16 6.18 26.81
CA LEU A 79 -6.27 7.60 27.08
C LEU A 79 -7.19 7.90 28.26
N GLN A 80 -6.82 8.90 29.05
CA GLN A 80 -7.61 9.34 30.20
C GLN A 80 -8.83 10.10 29.77
N PRO A 81 -9.82 10.23 30.66
CA PRO A 81 -10.94 11.13 30.37
C PRO A 81 -10.45 12.52 30.01
N GLY A 82 -11.01 13.10 28.95
CA GLY A 82 -10.56 14.41 28.51
C GLY A 82 -9.39 14.37 27.54
N ALA A 83 -8.69 13.24 27.49
CA ALA A 83 -7.65 13.06 26.48
C ALA A 83 -8.31 12.82 25.12
N ARG A 84 -7.63 13.25 24.05
CA ARG A 84 -8.15 13.12 22.69
C ARG A 84 -7.14 12.45 21.77
N LEU A 85 -7.66 11.61 20.86
CA LEU A 85 -6.91 11.13 19.72
C LEU A 85 -7.45 11.79 18.45
N LEU A 86 -6.58 12.41 17.67
CA LEU A 86 -6.96 12.84 16.33
C LEU A 86 -6.30 11.89 15.36
N THR A 87 -7.07 11.25 14.49
CA THR A 87 -6.45 10.32 13.56
C THR A 87 -6.79 10.68 12.12
N MET A 88 -5.76 10.64 11.28
CA MET A 88 -5.87 11.04 9.89
C MET A 88 -5.80 9.82 8.99
N GLU A 89 -6.72 9.75 8.04
CA GLU A 89 -6.81 8.59 7.15
C GLU A 89 -7.12 9.10 5.76
N ILE A 90 -6.26 8.80 4.78
CA ILE A 90 -6.42 9.43 3.48
C ILE A 90 -7.54 8.77 2.64
N ASN A 91 -7.84 7.51 2.92
CA ASN A 91 -8.84 6.78 2.11
C ASN A 91 -10.21 6.79 2.77
N PRO A 92 -11.23 7.27 2.04
CA PRO A 92 -12.59 7.43 2.60
C PRO A 92 -13.21 6.13 3.11
N ASP A 93 -12.98 5.03 2.42
CA ASP A 93 -13.58 3.77 2.86
C ASP A 93 -12.88 3.27 4.12
N CYS A 94 -11.56 3.45 4.21
CA CYS A 94 -10.85 3.05 5.41
C CYS A 94 -11.24 3.94 6.58
N ALA A 95 -11.46 5.23 6.31
CA ALA A 95 -11.91 6.14 7.34
C ALA A 95 -13.25 5.69 7.91
N ALA A 96 -14.16 5.27 7.03
CA ALA A 96 -15.45 4.72 7.44
C ALA A 96 -15.29 3.47 8.33
N ILE A 97 -14.45 2.54 7.88
CA ILE A 97 -14.16 1.34 8.65
C ILE A 97 -13.60 1.70 10.03
N THR A 98 -12.63 2.62 10.05
CA THR A 98 -12.03 3.04 11.32
C THR A 98 -13.10 3.59 12.26
N GLN A 99 -14.05 4.35 11.72
CA GLN A 99 -15.09 4.91 12.57
C GLN A 99 -15.94 3.82 13.20
N GLN A 100 -16.31 2.83 12.38
CA GLN A 100 -17.18 1.75 12.84
C GLN A 100 -16.42 0.90 13.84
N MET A 101 -15.12 0.72 13.59
CA MET A 101 -14.26 -0.05 14.47
C MET A 101 -14.24 0.58 15.86
N LEU A 102 -14.04 1.90 15.89
CA LEU A 102 -14.00 2.63 17.13
C LEU A 102 -15.37 2.67 17.82
N ASN A 103 -16.43 2.79 17.01
CA ASN A 103 -17.79 2.73 17.52
CA ASN A 103 -17.78 2.74 17.54
C ASN A 103 -18.02 1.42 18.26
N PHE A 104 -17.68 0.32 17.60
CA PHE A 104 -17.84 -1.00 18.18
C PHE A 104 -17.05 -1.11 19.49
N ALA A 105 -15.80 -0.63 19.47
CA ALA A 105 -14.93 -0.65 20.64
C ALA A 105 -15.43 0.23 21.80
N GLY A 106 -16.35 1.15 21.50
CA GLY A 106 -16.85 2.08 22.50
C GLY A 106 -15.93 3.27 22.76
N LEU A 107 -15.11 3.59 21.77
CA LEU A 107 -14.07 4.60 21.93
C LEU A 107 -14.34 5.82 21.07
N GLN A 108 -15.49 5.84 20.40
CA GLN A 108 -15.80 6.88 19.43
C GLN A 108 -15.76 8.30 20.01
N ASP A 109 -16.03 8.44 21.30
CA ASP A 109 -16.03 9.76 21.94
C ASP A 109 -14.63 10.29 22.23
N LYS A 110 -13.61 9.46 22.11
CA LYS A 110 -12.25 9.89 22.41
C LYS A 110 -11.48 10.25 21.14
N VAL A 111 -12.07 9.94 19.99
CA VAL A 111 -11.33 10.04 18.73
C VAL A 111 -12.05 10.93 17.72
N THR A 112 -11.27 11.76 17.02
CA THR A 112 -11.77 12.49 15.87
C THR A 112 -11.08 11.94 14.64
N ILE A 113 -11.84 11.42 13.69
CA ILE A 113 -11.26 10.94 12.45
C ILE A 113 -11.33 12.02 11.37
N LEU A 114 -10.16 12.35 10.83
CA LEU A 114 -10.05 13.32 9.75
C LEU A 114 -9.72 12.58 8.46
N ASN A 115 -10.58 12.71 7.45
CA ASN A 115 -10.36 12.01 6.20
C ASN A 115 -9.70 12.93 5.18
N GLY A 116 -8.37 12.84 5.05
CA GLY A 116 -7.65 13.65 4.09
C GLY A 116 -6.17 13.33 4.10
N ALA A 117 -5.40 14.06 3.31
CA ALA A 117 -3.96 13.89 3.30
C ALA A 117 -3.33 14.63 4.48
N SER A 118 -2.30 14.04 5.07
CA SER A 118 -1.61 14.64 6.20
C SER A 118 -1.11 16.07 5.92
N GLN A 119 -0.51 16.29 4.75
CA GLN A 119 0.05 17.61 4.50
C GLN A 119 -1.04 18.68 4.33
N ASP A 120 -2.28 18.25 4.09
CA ASP A 120 -3.40 19.19 3.98
C ASP A 120 -4.08 19.46 5.32
N LEU A 121 -4.12 18.43 6.16
CA LEU A 121 -4.86 18.52 7.42
C LEU A 121 -4.00 19.08 8.56
N ILE A 122 -2.73 18.70 8.60
CA ILE A 122 -1.86 19.10 9.69
C ILE A 122 -1.86 20.64 9.89
N PRO A 123 -1.81 21.43 8.79
CA PRO A 123 -1.82 22.88 9.05
C PRO A 123 -3.18 23.47 9.49
N GLN A 124 -4.23 22.65 9.51
CA GLN A 124 -5.55 23.12 9.97
C GLN A 124 -5.81 22.79 11.43
N LEU A 125 -4.94 21.98 12.01
CA LEU A 125 -5.18 21.52 13.38
C LEU A 125 -5.39 22.68 14.37
N LYS A 126 -4.52 23.68 14.32
CA LYS A 126 -4.62 24.79 15.26
C LYS A 126 -5.92 25.57 15.08
N LYS A 127 -6.26 25.91 13.85
CA LYS A 127 -7.47 26.71 13.60
C LYS A 127 -8.76 25.91 13.83
N LYS A 128 -8.86 24.75 13.19
CA LYS A 128 -10.16 24.09 13.11
C LYS A 128 -10.40 23.07 14.21
N TYR A 129 -9.33 22.52 14.76
CA TYR A 129 -9.49 21.45 15.74
C TYR A 129 -8.98 21.87 17.11
N ASP A 130 -8.81 23.18 17.27
CA ASP A 130 -8.49 23.80 18.55
C ASP A 130 -7.30 23.12 19.22
N VAL A 131 -6.25 22.92 18.44
CA VAL A 131 -5.03 22.33 18.96
C VAL A 131 -4.03 23.42 19.26
N ASP A 132 -3.39 23.32 20.42
CA ASP A 132 -2.22 24.14 20.72
C ASP A 132 -1.00 23.33 20.29
N THR A 133 -0.52 22.44 21.14
CA THR A 133 0.54 21.54 20.73
C THR A 133 0.17 20.10 20.99
N LEU A 134 0.78 19.19 20.24
CA LEU A 134 0.51 17.76 20.41
C LEU A 134 1.43 17.16 21.46
N ASP A 135 0.91 16.21 22.22
CA ASP A 135 1.74 15.52 23.20
C ASP A 135 2.45 14.32 22.58
N MET A 136 1.81 13.74 21.57
CA MET A 136 2.36 12.55 20.93
C MET A 136 1.90 12.44 19.49
N VAL A 137 2.77 11.96 18.62
CA VAL A 137 2.41 11.71 17.23
C VAL A 137 2.78 10.27 16.90
N PHE A 138 1.83 9.51 16.36
CA PHE A 138 2.13 8.18 15.83
C PHE A 138 2.15 8.18 14.31
N LEU A 139 3.29 7.85 13.72
CA LEU A 139 3.40 7.87 12.26
C LEU A 139 3.40 6.45 11.73
N ASP A 140 2.38 6.15 10.90
CA ASP A 140 2.25 4.85 10.28
C ASP A 140 1.50 4.98 8.95
N HIS A 141 1.73 6.09 8.25
CA HIS A 141 1.08 6.34 6.98
C HIS A 141 2.09 6.06 5.87
N TRP A 142 2.13 6.87 4.81
CA TRP A 142 3.07 6.58 3.73
C TRP A 142 4.48 6.87 4.17
N LYS A 143 5.40 5.95 3.89
CA LYS A 143 6.72 6.02 4.51
C LYS A 143 7.55 7.20 4.00
N ASP A 144 7.33 7.63 2.76
CA ASP A 144 8.08 8.76 2.20
C ASP A 144 7.56 10.08 2.74
N ARG A 145 6.53 10.02 3.59
CA ARG A 145 5.97 11.22 4.18
C ARG A 145 6.41 11.42 5.63
N TYR A 146 7.10 10.46 6.22
CA TYR A 146 7.46 10.64 7.61
C TYR A 146 8.33 11.90 7.79
N LEU A 147 9.35 12.05 6.96
CA LEU A 147 10.24 13.19 7.13
C LEU A 147 9.56 14.52 6.80
N PRO A 148 8.92 14.65 5.62
CA PRO A 148 8.29 15.95 5.38
C PRO A 148 7.18 16.32 6.35
N ASP A 149 6.39 15.37 6.84
CA ASP A 149 5.30 15.72 7.76
C ASP A 149 5.85 16.08 9.15
N THR A 150 6.93 15.43 9.56
CA THR A 150 7.63 15.82 10.79
C THR A 150 8.12 17.27 10.71
N LEU A 151 8.75 17.62 9.59
CA LEU A 151 9.17 19.01 9.37
C LEU A 151 7.97 19.96 9.36
N LEU A 152 6.86 19.48 8.80
CA LEU A 152 5.65 20.30 8.72
C LEU A 152 5.04 20.53 10.10
N LEU A 153 5.03 19.48 10.92
CA LEU A 153 4.52 19.54 12.27
C LEU A 153 5.33 20.57 13.06
N GLU A 154 6.65 20.50 12.88
CA GLU A 154 7.52 21.49 13.53
C GLU A 154 7.27 22.91 13.05
N GLU A 155 7.23 23.11 11.74
CA GLU A 155 7.08 24.49 11.33
C GLU A 155 5.67 25.02 11.64
N CYS A 156 4.68 24.15 11.82
CA CYS A 156 3.33 24.63 12.17
C CYS A 156 3.18 24.92 13.67
N GLY A 157 4.22 24.67 14.46
CA GLY A 157 4.17 24.95 15.88
C GLY A 157 3.42 23.91 16.70
N LEU A 158 3.34 22.69 16.18
CA LEU A 158 2.54 21.63 16.82
C LEU A 158 3.38 20.78 17.77
N LEU A 159 4.69 20.90 17.68
CA LEU A 159 5.56 20.18 18.62
C LEU A 159 6.01 21.09 19.75
N ARG A 160 6.02 20.56 20.98
CA ARG A 160 6.64 21.28 22.10
C ARG A 160 7.72 20.41 22.70
N LYS A 161 8.56 20.98 23.55
CA LYS A 161 9.58 20.19 24.20
C LYS A 161 8.93 19.05 24.99
N GLY A 162 9.36 17.82 24.73
CA GLY A 162 8.75 16.66 25.34
C GLY A 162 7.71 15.92 24.50
N THR A 163 7.33 16.47 23.35
CA THR A 163 6.41 15.79 22.45
C THR A 163 7.05 14.50 21.93
N VAL A 164 6.33 13.39 22.06
CA VAL A 164 6.88 12.10 21.62
C VAL A 164 6.42 11.78 20.20
N LEU A 165 7.36 11.59 19.27
CA LEU A 165 7.03 11.00 17.96
C LEU A 165 7.37 9.53 18.01
N LEU A 166 6.45 8.69 17.52
CA LEU A 166 6.69 7.26 17.49
C LEU A 166 6.34 6.79 16.09
N ALA A 167 7.32 6.26 15.39
CA ALA A 167 7.12 5.95 13.98
C ALA A 167 7.34 4.47 13.72
N ASP A 168 6.41 3.87 12.98
CA ASP A 168 6.49 2.43 12.70
C ASP A 168 7.18 2.20 11.36
N ASN A 169 7.71 0.99 11.18
CA ASN A 169 8.26 0.52 9.91
C ASN A 169 9.50 1.30 9.48
N VAL A 170 10.28 1.79 10.44
CA VAL A 170 11.43 2.61 10.07
C VAL A 170 12.59 1.75 9.55
N ILE A 171 12.51 0.44 9.74
CA ILE A 171 13.50 -0.49 9.18
C ILE A 171 12.95 -1.21 7.94
N VAL A 172 11.74 -1.76 8.08
CA VAL A 172 11.06 -2.49 7.00
C VAL A 172 9.69 -1.90 6.71
N PRO A 173 9.48 -1.37 5.50
CA PRO A 173 10.44 -1.28 4.39
C PRO A 173 11.50 -0.21 4.60
N GLY A 174 11.35 0.59 5.65
CA GLY A 174 12.42 1.50 6.04
C GLY A 174 12.12 2.95 5.74
N THR A 175 12.53 3.82 6.65
CA THR A 175 12.44 5.28 6.45
C THR A 175 13.81 5.89 6.79
N PRO A 176 14.82 5.63 5.96
CA PRO A 176 16.19 6.07 6.30
C PRO A 176 16.36 7.58 6.28
N ASP A 177 15.60 8.30 5.47
CA ASP A 177 15.73 9.77 5.44
C ASP A 177 15.21 10.35 6.76
N PHE A 178 14.06 9.84 7.21
CA PHE A 178 13.50 10.25 8.50
C PHE A 178 14.47 9.94 9.66
N LEU A 179 15.03 8.73 9.68
CA LEU A 179 15.94 8.33 10.74
C LEU A 179 17.20 9.20 10.74
N ALA A 180 17.80 9.39 9.58
CA ALA A 180 19.01 10.19 9.50
C ALA A 180 18.72 11.58 10.06
N TYR A 181 17.60 12.17 9.64
CA TYR A 181 17.26 13.49 10.13
C TYR A 181 17.06 13.54 11.66
N VAL A 182 16.13 12.74 12.20
CA VAL A 182 15.80 12.89 13.62
C VAL A 182 16.97 12.49 14.52
N ARG A 183 17.70 11.45 14.13
CA ARG A 183 18.80 10.99 14.96
C ARG A 183 19.94 12.01 14.94
N GLY A 184 20.15 12.63 13.78
CA GLY A 184 21.22 13.60 13.62
C GLY A 184 20.90 14.96 14.21
N SER A 185 19.62 15.33 14.20
CA SER A 185 19.21 16.64 14.68
C SER A 185 19.22 16.74 16.20
N SER A 186 19.72 17.86 16.72
CA SER A 186 19.71 18.06 18.17
C SER A 186 18.29 18.35 18.67
N SER A 187 17.34 18.53 17.75
CA SER A 187 15.95 18.77 18.13
C SER A 187 15.21 17.48 18.53
N PHE A 188 15.80 16.32 18.28
CA PHE A 188 15.13 15.06 18.64
C PHE A 188 16.05 14.13 19.40
N GLU A 189 15.55 13.64 20.53
CA GLU A 189 16.27 12.64 21.29
C GLU A 189 15.65 11.28 20.94
N CYS A 190 16.44 10.46 20.25
CA CYS A 190 15.92 9.24 19.64
C CYS A 190 16.31 7.92 20.31
N THR A 191 15.34 7.01 20.36
CA THR A 191 15.59 5.64 20.74
C THR A 191 14.90 4.71 19.75
N HIS A 192 15.39 3.48 19.66
CA HIS A 192 14.90 2.53 18.67
C HIS A 192 14.42 1.26 19.35
N TYR A 193 13.23 0.82 18.94
CA TYR A 193 12.59 -0.35 19.53
C TYR A 193 12.42 -1.45 18.49
N SER A 194 13.35 -2.41 18.50
CA SER A 194 13.32 -3.51 17.56
C SER A 194 12.13 -4.43 17.83
N SER A 195 11.53 -4.93 16.76
CA SER A 195 10.44 -5.89 16.88
C SER A 195 10.40 -6.76 15.64
N TYR A 196 10.20 -8.05 15.85
CA TYR A 196 10.25 -9.02 14.76
C TYR A 196 8.94 -9.03 14.00
N LEU A 197 9.03 -9.06 12.68
CA LEU A 197 7.88 -9.42 11.85
C LEU A 197 8.00 -10.91 11.55
N GLU A 198 7.29 -11.72 12.31
CA GLU A 198 7.44 -13.18 12.21
C GLU A 198 7.02 -13.69 10.84
N TYR A 199 5.96 -13.11 10.30
CA TYR A 199 5.42 -13.53 9.02
C TYR A 199 6.41 -13.26 7.89
N MET A 200 7.15 -12.17 7.99
CA MET A 200 8.19 -11.84 7.01
C MET A 200 9.56 -12.34 7.43
N LYS A 201 9.67 -12.82 8.67
CA LYS A 201 10.92 -13.35 9.21
C LYS A 201 12.07 -12.34 9.11
N VAL A 202 11.76 -11.09 9.39
CA VAL A 202 12.76 -10.01 9.37
C VAL A 202 12.52 -9.09 10.56
N VAL A 203 13.60 -8.51 11.07
CA VAL A 203 13.49 -7.56 12.15
C VAL A 203 13.01 -6.22 11.62
N ASP A 204 12.06 -5.62 12.30
CA ASP A 204 11.65 -4.25 11.99
C ASP A 204 11.90 -3.44 13.25
N GLY A 205 11.45 -2.19 13.28
CA GLY A 205 11.58 -1.42 14.49
C GLY A 205 10.71 -0.18 14.50
N LEU A 206 10.41 0.30 15.69
CA LEU A 206 9.84 1.65 15.83
C LEU A 206 10.90 2.62 16.30
N GLU A 207 10.80 3.85 15.82
CA GLU A 207 11.68 4.90 16.34
C GLU A 207 10.87 5.81 17.24
N LYS A 208 11.42 6.08 18.41
CA LYS A 208 10.84 7.09 19.28
C LYS A 208 11.77 8.30 19.23
N ALA A 209 11.19 9.45 18.93
CA ALA A 209 11.94 10.69 18.80
C ALA A 209 11.27 11.75 19.64
N ILE A 210 11.95 12.22 20.67
CA ILE A 210 11.35 13.15 21.58
C ILE A 210 11.81 14.57 21.25
N TYR A 211 10.85 15.41 20.89
CA TYR A 211 11.18 16.76 20.48
C TYR A 211 11.84 17.55 21.61
N GLN A 212 12.94 18.23 21.27
CA GLN A 212 13.72 18.93 22.28
C GLN A 212 13.54 20.44 22.20
N GLY A 213 12.84 20.89 21.15
CA GLY A 213 12.71 22.31 20.87
C GLY A 213 13.48 22.65 19.60
N PRO A 214 13.15 23.79 18.99
CA PRO A 214 13.80 24.19 17.73
C PRO A 214 15.31 24.42 17.86
N SER A 215 16.05 24.26 16.76
CA SER A 215 17.48 24.54 16.74
C SER A 215 17.79 26.01 17.07
N SER A 216 18.82 26.24 17.87
CA SER A 216 19.21 27.60 18.27
C SER A 216 20.09 28.27 17.23
N PRO A 217 19.79 29.54 16.89
CA PRO A 217 20.63 30.30 15.94
C PRO A 217 22.05 30.58 16.48
N ASP A 218 23.00 30.74 15.58
CA ASP A 218 24.42 30.95 15.93
C ASP A 218 24.69 32.33 16.53
N LYS A 219 25.53 32.36 17.57
CA LYS A 219 25.78 33.56 18.37
C LYS A 219 27.00 34.39 17.90
N GLY B 1 6.66 19.76 -2.92
CA GLY B 1 6.32 18.57 -2.15
C GLY B 1 6.76 17.28 -2.83
N ASP B 2 7.96 16.83 -2.48
CA ASP B 2 8.63 15.70 -3.14
C ASP B 2 8.11 14.32 -2.68
N THR B 3 7.93 13.40 -3.62
CA THR B 3 7.47 12.06 -3.25
C THR B 3 8.46 11.02 -3.76
N LYS B 4 8.35 9.82 -3.22
CA LYS B 4 9.17 8.71 -3.68
C LYS B 4 8.96 8.43 -5.17
N GLU B 5 7.72 8.54 -5.63
CA GLU B 5 7.41 8.27 -7.03
C GLU B 5 8.03 9.35 -7.94
N GLN B 6 7.99 10.60 -7.51
CA GLN B 6 8.68 11.64 -8.25
C GLN B 6 10.19 11.39 -8.30
N ARG B 7 10.74 10.88 -7.20
CA ARG B 7 12.18 10.63 -7.15
C ARG B 7 12.59 9.53 -8.11
N ILE B 8 11.75 8.50 -8.22
CA ILE B 8 12.01 7.41 -9.16
C ILE B 8 12.04 7.94 -10.58
N LEU B 9 11.06 8.79 -10.91
CA LEU B 9 10.96 9.35 -12.24
C LEU B 9 12.19 10.20 -12.54
N ARG B 10 12.52 11.06 -11.57
CA ARG B 10 13.66 11.97 -11.67
C ARG B 10 14.95 11.18 -11.93
N TYR B 11 15.13 10.09 -11.19
CA TYR B 11 16.33 9.27 -11.30
C TYR B 11 16.42 8.63 -12.69
N VAL B 12 15.28 8.14 -13.18
CA VAL B 12 15.22 7.60 -14.54
C VAL B 12 15.61 8.69 -15.56
N GLN B 13 14.99 9.85 -15.45
CA GLN B 13 15.21 10.93 -16.42
C GLN B 13 16.64 11.39 -16.43
N GLN B 14 17.30 11.25 -15.29
CA GLN B 14 18.68 11.66 -15.19
C GLN B 14 19.64 10.60 -15.76
N ASN B 15 19.34 9.34 -15.50
CA ASN B 15 20.33 8.28 -15.70
C ASN B 15 20.04 7.32 -16.86
N ALA B 16 18.78 7.21 -17.27
CA ALA B 16 18.45 6.37 -18.41
C ALA B 16 18.57 7.19 -19.68
N LYS B 17 18.31 6.55 -20.82
CA LYS B 17 18.35 7.23 -22.12
C LYS B 17 16.95 7.26 -22.70
N PRO B 18 16.50 8.43 -23.17
CA PRO B 18 15.18 8.57 -23.78
C PRO B 18 15.02 7.64 -24.98
N GLY B 19 13.87 6.97 -25.08
CA GLY B 19 13.61 6.07 -26.19
C GLY B 19 14.26 4.71 -26.01
N ASP B 20 14.81 4.46 -24.83
CA ASP B 20 15.50 3.19 -24.55
C ASP B 20 14.85 2.48 -23.36
N PRO B 21 13.82 1.65 -23.63
CA PRO B 21 13.08 1.04 -22.53
C PRO B 21 13.97 0.23 -21.59
N GLN B 22 14.97 -0.45 -22.13
CA GLN B 22 15.82 -1.29 -21.30
C GLN B 22 16.60 -0.46 -20.27
N SER B 23 17.11 0.70 -20.69
CA SER B 23 17.82 1.59 -19.77
C SER B 23 16.87 2.09 -18.67
N VAL B 24 15.61 2.31 -19.03
CA VAL B 24 14.63 2.77 -18.05
C VAL B 24 14.39 1.71 -16.98
N LEU B 25 14.21 0.46 -17.42
CA LEU B 25 14.03 -0.66 -16.49
C LEU B 25 15.23 -0.79 -15.57
N GLU B 26 16.43 -0.69 -16.13
CA GLU B 26 17.63 -0.82 -15.33
C GLU B 26 17.77 0.30 -14.31
N ALA B 27 17.43 1.54 -14.70
CA ALA B 27 17.47 2.66 -13.76
C ALA B 27 16.49 2.49 -12.60
N ILE B 28 15.28 2.03 -12.90
CA ILE B 28 14.29 1.84 -11.84
C ILE B 28 14.75 0.74 -10.89
N ASP B 29 15.26 -0.35 -11.45
CA ASP B 29 15.68 -1.48 -10.63
C ASP B 29 16.88 -1.06 -9.79
N THR B 30 17.77 -0.28 -10.37
CA THR B 30 18.94 0.18 -9.64
C THR B 30 18.51 1.10 -8.49
N TYR B 31 17.55 1.97 -8.78
CA TYR B 31 17.04 2.88 -7.77
C TYR B 31 16.40 2.12 -6.61
N CYS B 32 15.53 1.16 -6.92
CA CYS B 32 14.79 0.46 -5.90
C CYS B 32 15.69 -0.45 -5.08
N THR B 33 16.81 -0.89 -5.67
CA THR B 33 17.69 -1.79 -4.94
C THR B 33 18.83 -1.07 -4.22
N GLN B 34 19.26 0.09 -4.72
CA GLN B 34 20.41 0.76 -4.13
C GLN B 34 20.09 2.09 -3.43
N LYS B 35 19.03 2.77 -3.86
CA LYS B 35 18.74 4.10 -3.33
C LYS B 35 17.60 4.10 -2.33
N GLU B 36 16.47 3.52 -2.71
CA GLU B 36 15.26 3.67 -1.92
C GLU B 36 14.27 2.57 -2.29
N TRP B 37 13.83 1.79 -1.31
CA TRP B 37 12.87 0.72 -1.60
C TRP B 37 11.58 1.32 -2.15
N ALA B 38 10.97 0.62 -3.09
CA ALA B 38 9.64 0.98 -3.56
C ALA B 38 8.94 -0.27 -4.05
N MET B 39 7.61 -0.24 -4.11
CA MET B 39 6.86 -1.33 -4.74
C MET B 39 7.37 -1.45 -6.16
N ASN B 40 7.99 -2.58 -6.47
CA ASN B 40 8.50 -2.80 -7.81
C ASN B 40 8.59 -4.28 -8.09
N VAL B 41 8.13 -4.68 -9.26
CA VAL B 41 8.15 -6.09 -9.62
C VAL B 41 9.60 -6.62 -9.65
N GLY B 42 10.52 -5.82 -10.16
CA GLY B 42 11.92 -6.20 -10.18
C GLY B 42 12.32 -7.04 -11.39
N ASP B 43 13.62 -7.09 -11.68
CA ASP B 43 14.10 -7.70 -12.91
C ASP B 43 13.88 -9.22 -12.96
N ALA B 44 13.97 -9.88 -11.81
CA ALA B 44 13.84 -11.34 -11.77
C ALA B 44 12.45 -11.77 -12.22
N LYS B 45 11.44 -11.21 -11.58
CA LYS B 45 10.06 -11.46 -12.01
C LYS B 45 9.84 -10.88 -13.41
N GLY B 46 10.57 -9.83 -13.72
CA GLY B 46 10.47 -9.19 -15.02
C GLY B 46 10.79 -10.15 -16.15
N GLN B 47 11.77 -11.03 -15.93
CA GLN B 47 12.13 -12.01 -16.95
C GLN B 47 10.99 -13.00 -17.17
N ILE B 48 10.26 -13.32 -16.09
CA ILE B 48 9.09 -14.18 -16.21
C ILE B 48 8.03 -13.49 -17.08
N MET B 49 7.77 -12.21 -16.80
CA MET B 49 6.84 -11.44 -17.63
C MET B 49 7.28 -11.38 -19.09
N ASP B 50 8.57 -11.11 -19.31
CA ASP B 50 9.14 -11.12 -20.65
C ASP B 50 8.86 -12.44 -21.36
N ALA B 51 9.13 -13.53 -20.67
CA ALA B 51 8.98 -14.86 -21.25
C ALA B 51 7.52 -15.11 -21.64
N VAL B 52 6.60 -14.71 -20.78
CA VAL B 52 5.18 -14.90 -21.08
C VAL B 52 4.78 -14.10 -22.30
N ILE B 53 5.18 -12.83 -22.34
CA ILE B 53 4.89 -11.96 -23.47
C ILE B 53 5.46 -12.56 -24.76
N ARG B 54 6.69 -13.05 -24.69
CA ARG B 54 7.34 -13.57 -25.88
C ARG B 54 6.70 -14.87 -26.33
N GLU B 55 6.35 -15.74 -25.38
CA GLU B 55 5.67 -16.98 -25.74
C GLU B 55 4.33 -16.71 -26.44
N TYR B 56 3.46 -15.89 -25.84
CA TYR B 56 2.09 -15.79 -26.34
C TYR B 56 1.84 -14.63 -27.29
N SER B 57 2.79 -13.73 -27.43
CA SER B 57 2.66 -12.55 -28.29
C SER B 57 1.28 -11.90 -28.24
N PRO B 58 0.84 -11.48 -27.03
CA PRO B 58 -0.49 -10.88 -26.90
C PRO B 58 -0.62 -9.60 -27.75
N SER B 59 -1.76 -9.38 -28.39
CA SER B 59 -1.99 -8.13 -29.13
C SER B 59 -2.70 -7.09 -28.27
N LEU B 60 -3.41 -7.57 -27.26
CA LEU B 60 -4.10 -6.68 -26.35
C LEU B 60 -3.87 -7.13 -24.90
N VAL B 61 -3.20 -6.27 -24.14
CA VAL B 61 -2.83 -6.56 -22.77
C VAL B 61 -3.53 -5.58 -21.83
N LEU B 62 -4.05 -6.10 -20.74
CA LEU B 62 -4.57 -5.27 -19.66
C LEU B 62 -3.66 -5.42 -18.45
N GLU B 63 -3.18 -4.29 -17.94
CA GLU B 63 -2.43 -4.28 -16.69
C GLU B 63 -3.26 -3.64 -15.58
N LEU B 64 -3.33 -4.28 -14.42
CA LEU B 64 -3.98 -3.68 -13.25
C LEU B 64 -2.92 -3.28 -12.22
N GLY B 65 -2.80 -1.98 -11.98
CA GLY B 65 -1.88 -1.45 -10.95
C GLY B 65 -0.54 -0.96 -11.49
N ALA B 66 -0.56 0.04 -12.36
CA ALA B 66 0.66 0.49 -13.03
C ALA B 66 1.73 1.09 -12.07
N TYR B 67 1.27 1.68 -10.97
CA TYR B 67 2.13 2.39 -10.03
C TYR B 67 3.01 3.48 -10.73
N CYS B 68 4.31 3.23 -10.89
CA CYS B 68 5.16 4.21 -11.58
C CYS B 68 5.48 3.88 -13.03
N GLY B 69 4.96 2.74 -13.49
CA GLY B 69 5.07 2.40 -14.89
C GLY B 69 6.16 1.38 -15.20
N TYR B 70 6.76 0.80 -14.17
CA TYR B 70 7.81 -0.19 -14.43
C TYR B 70 7.27 -1.35 -15.28
N SER B 71 6.16 -1.93 -14.84
CA SER B 71 5.63 -3.09 -15.56
C SER B 71 5.07 -2.69 -16.91
N ALA B 72 4.52 -1.48 -17.01
CA ALA B 72 4.01 -1.01 -18.29
C ALA B 72 5.15 -0.89 -19.29
N VAL B 73 6.30 -0.38 -18.86
CA VAL B 73 7.47 -0.27 -19.73
C VAL B 73 7.95 -1.67 -20.10
N ARG B 74 8.03 -2.53 -19.10
CA ARG B 74 8.47 -3.90 -19.27
C ARG B 74 7.67 -4.62 -20.38
N MET B 75 6.35 -4.54 -20.31
CA MET B 75 5.52 -5.27 -21.26
C MET B 75 5.40 -4.53 -22.59
N ALA B 76 5.23 -3.21 -22.55
CA ALA B 76 4.98 -2.47 -23.79
C ALA B 76 6.18 -2.52 -24.72
N ARG B 77 7.38 -2.65 -24.15
CA ARG B 77 8.60 -2.65 -24.95
C ARG B 77 8.69 -3.92 -25.81
N LEU B 78 7.93 -4.96 -25.44
CA LEU B 78 7.98 -6.23 -26.18
C LEU B 78 6.77 -6.45 -27.06
N LEU B 79 5.86 -5.48 -27.09
CA LEU B 79 4.67 -5.58 -27.94
C LEU B 79 4.98 -5.23 -29.39
N GLN B 80 4.39 -6.00 -30.29
CA GLN B 80 4.54 -5.78 -31.72
C GLN B 80 3.83 -4.50 -32.14
N PRO B 81 4.20 -3.96 -33.31
CA PRO B 81 3.45 -2.83 -33.87
C PRO B 81 1.95 -3.07 -33.92
N GLY B 82 1.17 -2.08 -33.52
CA GLY B 82 -0.27 -2.24 -33.47
C GLY B 82 -0.81 -2.99 -32.25
N ALA B 83 0.05 -3.71 -31.54
CA ALA B 83 -0.35 -4.30 -30.27
C ALA B 83 -0.58 -3.17 -29.25
N ARG B 84 -1.46 -3.38 -28.28
CA ARG B 84 -1.80 -2.33 -27.32
C ARG B 84 -1.71 -2.79 -25.87
N LEU B 85 -1.26 -1.90 -25.00
CA LEU B 85 -1.39 -2.11 -23.56
C LEU B 85 -2.39 -1.12 -22.98
N LEU B 86 -3.40 -1.61 -22.27
CA LEU B 86 -4.27 -0.78 -21.46
C LEU B 86 -3.83 -0.94 -20.03
N THR B 87 -3.49 0.16 -19.36
CA THR B 87 -3.08 -0.01 -17.98
C THR B 87 -3.92 0.86 -17.06
N MET B 88 -4.31 0.29 -15.93
CA MET B 88 -5.21 0.93 -15.00
C MET B 88 -4.47 1.29 -13.72
N GLU B 89 -4.66 2.52 -13.26
CA GLU B 89 -3.96 3.04 -12.09
C GLU B 89 -4.93 3.89 -11.30
N ILE B 90 -5.16 3.54 -10.04
CA ILE B 90 -6.22 4.18 -9.27
C ILE B 90 -5.82 5.55 -8.71
N ASN B 91 -4.52 5.79 -8.56
CA ASN B 91 -4.03 7.03 -7.99
C ASN B 91 -3.64 8.01 -9.09
N PRO B 92 -4.25 9.21 -9.10
CA PRO B 92 -3.96 10.17 -10.16
C PRO B 92 -2.49 10.59 -10.30
N ASP B 93 -1.79 10.76 -9.19
CA ASP B 93 -0.39 11.22 -9.26
C ASP B 93 0.50 10.12 -9.84
N CYS B 94 0.23 8.88 -9.43
CA CYS B 94 0.92 7.73 -9.99
C CYS B 94 0.58 7.55 -11.48
N ALA B 95 -0.67 7.79 -11.85
CA ALA B 95 -1.03 7.71 -13.26
C ALA B 95 -0.20 8.71 -14.07
N ALA B 96 0.00 9.89 -13.51
CA ALA B 96 0.80 10.93 -14.18
C ALA B 96 2.28 10.53 -14.27
N ILE B 97 2.82 9.93 -13.20
CA ILE B 97 4.19 9.45 -13.21
C ILE B 97 4.34 8.38 -14.31
N THR B 98 3.40 7.43 -14.32
CA THR B 98 3.43 6.36 -15.33
C THR B 98 3.43 6.92 -16.76
N GLN B 99 2.63 7.96 -16.99
CA GLN B 99 2.59 8.57 -18.31
C GLN B 99 3.93 9.20 -18.70
N GLN B 100 4.53 9.94 -17.78
CA GLN B 100 5.83 10.55 -18.06
C GLN B 100 6.91 9.47 -18.22
N MET B 101 6.76 8.38 -17.46
CA MET B 101 7.73 7.29 -17.54
C MET B 101 7.71 6.66 -18.93
N LEU B 102 6.51 6.38 -19.43
CA LEU B 102 6.33 5.79 -20.73
C LEU B 102 6.71 6.76 -21.84
N ASN B 103 6.42 8.04 -21.63
CA ASN B 103 6.83 9.06 -22.59
CA ASN B 103 6.83 9.09 -22.57
C ASN B 103 8.35 9.06 -22.71
N PHE B 104 9.04 9.06 -21.56
CA PHE B 104 10.50 9.03 -21.58
C PHE B 104 11.02 7.79 -22.30
N ALA B 105 10.38 6.63 -22.04
CA ALA B 105 10.81 5.35 -22.61
C ALA B 105 10.57 5.26 -24.12
N GLY B 106 9.71 6.14 -24.64
CA GLY B 106 9.36 6.12 -26.05
C GLY B 106 8.20 5.18 -26.38
N LEU B 107 7.45 4.79 -25.34
CA LEU B 107 6.40 3.78 -25.48
C LEU B 107 4.98 4.35 -25.37
N GLN B 108 4.86 5.66 -25.35
CA GLN B 108 3.57 6.30 -25.06
C GLN B 108 2.47 5.95 -26.09
N ASP B 109 2.87 5.68 -27.32
CA ASP B 109 1.91 5.35 -28.37
C ASP B 109 1.35 3.93 -28.26
N LYS B 110 2.01 3.06 -27.51
CA LYS B 110 1.53 1.69 -27.35
C LYS B 110 0.61 1.54 -26.15
N VAL B 111 0.56 2.57 -25.30
CA VAL B 111 -0.11 2.44 -24.01
C VAL B 111 -1.23 3.44 -23.81
N THR B 112 -2.35 2.96 -23.30
CA THR B 112 -3.41 3.84 -22.84
C THR B 112 -3.55 3.71 -21.33
N ILE B 113 -3.39 4.83 -20.63
CA ILE B 113 -3.48 4.83 -19.19
C ILE B 113 -4.86 5.23 -18.76
N LEU B 114 -5.48 4.37 -17.96
CA LEU B 114 -6.79 4.64 -17.39
C LEU B 114 -6.67 4.92 -15.90
N ASN B 115 -7.08 6.11 -15.47
CA ASN B 115 -7.01 6.47 -14.05
C ASN B 115 -8.35 6.19 -13.35
N GLY B 116 -8.43 5.07 -12.65
CA GLY B 116 -9.65 4.74 -11.96
C GLY B 116 -9.53 3.38 -11.30
N ALA B 117 -10.60 2.98 -10.60
CA ALA B 117 -10.64 1.67 -9.96
C ALA B 117 -10.98 0.59 -10.99
N SER B 118 -10.34 -0.57 -10.85
CA SER B 118 -10.52 -1.68 -11.77
C SER B 118 -11.98 -2.08 -11.93
N GLN B 119 -12.71 -2.16 -10.83
CA GLN B 119 -14.11 -2.62 -10.94
C GLN B 119 -14.98 -1.59 -11.65
N ASP B 120 -14.55 -0.33 -11.67
CA ASP B 120 -15.28 0.71 -12.40
C ASP B 120 -14.93 0.73 -13.89
N LEU B 121 -13.67 0.45 -14.20
CA LEU B 121 -13.15 0.62 -15.55
C LEU B 121 -13.31 -0.64 -16.39
N ILE B 122 -13.16 -1.80 -15.77
CA ILE B 122 -13.23 -3.06 -16.51
C ILE B 122 -14.55 -3.21 -17.31
N PRO B 123 -15.71 -2.84 -16.72
CA PRO B 123 -16.93 -3.02 -17.53
C PRO B 123 -17.07 -2.04 -18.70
N GLN B 124 -16.17 -1.07 -18.82
CA GLN B 124 -16.26 -0.06 -19.86
C GLN B 124 -15.35 -0.36 -21.03
N LEU B 125 -14.51 -1.37 -20.87
CA LEU B 125 -13.53 -1.67 -21.91
C LEU B 125 -14.18 -1.96 -23.27
N LYS B 126 -15.19 -2.83 -23.31
CA LYS B 126 -15.82 -3.17 -24.59
C LYS B 126 -16.42 -1.93 -25.27
N LYS B 127 -17.16 -1.13 -24.51
CA LYS B 127 -17.84 0.02 -25.08
C LYS B 127 -16.87 1.16 -25.43
N LYS B 128 -16.03 1.54 -24.48
CA LYS B 128 -15.26 2.77 -24.63
C LYS B 128 -13.89 2.58 -25.26
N TYR B 129 -13.29 1.41 -25.11
CA TYR B 129 -11.92 1.25 -25.58
C TYR B 129 -11.82 0.18 -26.64
N ASP B 130 -12.95 -0.03 -27.33
CA ASP B 130 -13.05 -0.96 -28.47
C ASP B 130 -12.35 -2.26 -28.20
N VAL B 131 -12.60 -2.83 -27.03
CA VAL B 131 -12.05 -4.12 -26.69
C VAL B 131 -13.06 -5.20 -27.03
N ASP B 132 -12.59 -6.26 -27.69
CA ASP B 132 -13.39 -7.46 -27.85
C ASP B 132 -13.01 -8.36 -26.68
N THR B 133 -11.92 -9.12 -26.82
CA THR B 133 -11.41 -9.89 -25.70
C THR B 133 -9.92 -9.58 -25.48
N LEU B 134 -9.45 -9.87 -24.27
CA LEU B 134 -8.06 -9.56 -23.94
C LEU B 134 -7.19 -10.76 -24.18
N ASP B 135 -5.97 -10.51 -24.61
CA ASP B 135 -5.03 -11.61 -24.83
C ASP B 135 -4.29 -11.94 -23.56
N MET B 136 -4.09 -10.93 -22.72
CA MET B 136 -3.30 -11.09 -21.51
C MET B 136 -3.73 -10.08 -20.46
N VAL B 137 -3.70 -10.50 -19.21
CA VAL B 137 -3.99 -9.63 -18.09
C VAL B 137 -2.86 -9.78 -17.10
N PHE B 138 -2.26 -8.67 -16.72
CA PHE B 138 -1.28 -8.65 -15.64
C PHE B 138 -1.90 -8.02 -14.38
N LEU B 139 -1.98 -8.81 -13.31
CA LEU B 139 -2.61 -8.36 -12.07
C LEU B 139 -1.53 -8.03 -11.05
N ASP B 140 -1.43 -6.76 -10.67
CA ASP B 140 -0.46 -6.35 -9.67
C ASP B 140 -0.98 -5.17 -8.85
N HIS B 141 -2.30 -5.13 -8.64
CA HIS B 141 -2.93 -4.04 -7.92
C HIS B 141 -3.26 -4.49 -6.49
N TRP B 142 -4.40 -4.10 -5.93
CA TRP B 142 -4.71 -4.51 -4.54
C TRP B 142 -5.00 -5.99 -4.51
N LYS B 143 -4.40 -6.68 -3.54
CA LYS B 143 -4.37 -8.13 -3.60
C LYS B 143 -5.75 -8.74 -3.36
N ASP B 144 -6.57 -8.07 -2.54
CA ASP B 144 -7.92 -8.56 -2.26
C ASP B 144 -8.84 -8.38 -3.47
N ARG B 145 -8.32 -7.81 -4.55
CA ARG B 145 -9.12 -7.59 -5.76
C ARG B 145 -8.79 -8.58 -6.86
N TYR B 146 -7.76 -9.41 -6.69
CA TYR B 146 -7.41 -10.34 -7.77
C TYR B 146 -8.57 -11.27 -8.11
N LEU B 147 -9.18 -11.87 -7.10
CA LEU B 147 -10.28 -12.82 -7.38
C LEU B 147 -11.53 -12.09 -7.87
N PRO B 148 -12.00 -11.05 -7.17
CA PRO B 148 -13.22 -10.42 -7.73
C PRO B 148 -13.04 -9.82 -9.12
N ASP B 149 -11.87 -9.24 -9.44
CA ASP B 149 -11.66 -8.66 -10.76
C ASP B 149 -11.54 -9.74 -11.83
N THR B 150 -10.95 -10.87 -11.47
CA THR B 150 -10.88 -12.00 -12.38
C THR B 150 -12.32 -12.47 -12.70
N LEU B 151 -13.15 -12.59 -11.68
CA LEU B 151 -14.56 -12.99 -11.89
C LEU B 151 -15.28 -11.94 -12.75
N LEU B 152 -14.95 -10.66 -12.53
CA LEU B 152 -15.56 -9.58 -13.29
C LEU B 152 -15.14 -9.59 -14.76
N LEU B 153 -13.86 -9.86 -15.02
CA LEU B 153 -13.37 -10.00 -16.38
C LEU B 153 -14.11 -11.13 -17.10
N GLU B 154 -14.33 -12.22 -16.39
CA GLU B 154 -15.07 -13.32 -17.00
C GLU B 154 -16.52 -12.94 -17.23
N GLU B 155 -17.15 -12.33 -16.23
CA GLU B 155 -18.54 -11.85 -16.38
C GLU B 155 -18.69 -10.95 -17.59
N CYS B 156 -17.71 -10.08 -17.80
CA CYS B 156 -17.84 -9.06 -18.82
C CYS B 156 -17.50 -9.60 -20.21
N GLY B 157 -17.11 -10.88 -20.29
CA GLY B 157 -16.77 -11.47 -21.58
C GLY B 157 -15.46 -10.97 -22.15
N LEU B 158 -14.52 -10.61 -21.29
CA LEU B 158 -13.23 -10.08 -21.75
C LEU B 158 -12.17 -11.17 -21.84
N LEU B 159 -12.46 -12.34 -21.27
CA LEU B 159 -11.57 -13.48 -21.43
C LEU B 159 -12.04 -14.38 -22.56
N ARG B 160 -11.08 -14.85 -23.35
CA ARG B 160 -11.35 -15.91 -24.31
C ARG B 160 -10.45 -17.09 -24.00
N LYS B 161 -10.70 -18.20 -24.68
CA LYS B 161 -9.85 -19.37 -24.52
C LYS B 161 -8.43 -19.06 -24.94
N GLY B 162 -7.48 -19.30 -24.05
CA GLY B 162 -6.09 -18.95 -24.32
C GLY B 162 -5.62 -17.62 -23.75
N THR B 163 -6.53 -16.84 -23.17
CA THR B 163 -6.15 -15.62 -22.46
C THR B 163 -5.25 -15.96 -21.27
N VAL B 164 -4.11 -15.29 -21.18
CA VAL B 164 -3.19 -15.55 -20.09
C VAL B 164 -3.37 -14.53 -18.97
N LEU B 165 -3.69 -15.00 -17.77
CA LEU B 165 -3.61 -14.16 -16.58
C LEU B 165 -2.25 -14.39 -15.95
N LEU B 166 -1.58 -13.32 -15.56
CA LEU B 166 -0.30 -13.42 -14.87
C LEU B 166 -0.40 -12.54 -13.62
N ALA B 167 -0.28 -13.13 -12.44
CA ALA B 167 -0.54 -12.39 -11.22
C ALA B 167 0.66 -12.37 -10.29
N ASP B 168 1.02 -11.19 -9.79
CA ASP B 168 2.19 -11.06 -8.93
C ASP B 168 1.84 -11.17 -7.44
N ASN B 169 2.82 -11.51 -6.63
CA ASN B 169 2.69 -11.51 -5.17
C ASN B 169 1.66 -12.50 -4.65
N VAL B 170 1.48 -13.62 -5.35
CA VAL B 170 0.44 -14.54 -4.95
C VAL B 170 0.90 -15.38 -3.75
N ILE B 171 2.18 -15.29 -3.38
CA ILE B 171 2.66 -15.96 -2.17
C ILE B 171 2.90 -14.98 -1.03
N VAL B 172 3.62 -13.90 -1.33
CA VAL B 172 3.93 -12.85 -0.37
C VAL B 172 3.46 -11.51 -0.91
N PRO B 173 2.54 -10.83 -0.20
CA PRO B 173 1.91 -11.28 1.05
C PRO B 173 0.86 -12.37 0.81
N GLY B 174 0.58 -12.69 -0.45
CA GLY B 174 -0.25 -13.83 -0.77
C GLY B 174 -1.67 -13.51 -1.21
N THR B 175 -2.15 -14.23 -2.22
CA THR B 175 -3.54 -14.15 -2.61
C THR B 175 -4.17 -15.55 -2.59
N PRO B 176 -4.37 -16.11 -1.40
CA PRO B 176 -4.83 -17.51 -1.30
C PRO B 176 -6.20 -17.76 -1.95
N ASP B 177 -7.15 -16.83 -1.83
CA ASP B 177 -8.49 -17.05 -2.42
C ASP B 177 -8.39 -17.12 -3.95
N PHE B 178 -7.59 -16.24 -4.53
CA PHE B 178 -7.36 -16.24 -5.98
C PHE B 178 -6.72 -17.55 -6.45
N LEU B 179 -5.66 -17.97 -5.77
CA LEU B 179 -4.99 -19.22 -6.12
C LEU B 179 -5.95 -20.42 -6.03
N ALA B 180 -6.65 -20.54 -4.90
CA ALA B 180 -7.63 -21.61 -4.72
C ALA B 180 -8.63 -21.64 -5.86
N TYR B 181 -9.14 -20.48 -6.24
CA TYR B 181 -10.11 -20.44 -7.32
C TYR B 181 -9.51 -20.86 -8.65
N VAL B 182 -8.44 -20.21 -9.10
CA VAL B 182 -7.97 -20.50 -10.46
C VAL B 182 -7.39 -21.90 -10.56
N ARG B 183 -6.72 -22.37 -9.51
CA ARG B 183 -6.15 -23.71 -9.55
C ARG B 183 -7.28 -24.76 -9.48
N GLY B 184 -8.30 -24.47 -8.70
CA GLY B 184 -9.42 -25.39 -8.54
C GLY B 184 -10.34 -25.43 -9.74
N SER B 185 -10.55 -24.29 -10.37
CA SER B 185 -11.49 -24.21 -11.49
C SER B 185 -10.93 -24.85 -12.73
N SER B 186 -11.78 -25.57 -13.46
CA SER B 186 -11.37 -26.18 -14.72
C SER B 186 -11.30 -25.11 -15.80
N SER B 187 -11.76 -23.91 -15.49
CA SER B 187 -11.67 -22.81 -16.46
C SER B 187 -10.25 -22.23 -16.58
N PHE B 188 -9.36 -22.57 -15.65
CA PHE B 188 -7.99 -22.04 -15.70
C PHE B 188 -6.93 -23.11 -15.60
N GLU B 189 -5.96 -23.07 -16.50
CA GLU B 189 -4.84 -23.97 -16.45
C GLU B 189 -3.65 -23.21 -15.87
N CYS B 190 -3.18 -23.64 -14.70
CA CYS B 190 -2.29 -22.82 -13.87
C CYS B 190 -0.88 -23.35 -13.75
N THR B 191 0.08 -22.43 -13.78
CA THR B 191 1.48 -22.76 -13.51
C THR B 191 2.08 -21.68 -12.62
N HIS B 192 2.99 -22.08 -11.74
CA HIS B 192 3.51 -21.16 -10.74
C HIS B 192 5.00 -20.90 -10.94
N TYR B 193 5.37 -19.64 -11.04
CA TYR B 193 6.78 -19.27 -11.25
C TYR B 193 7.31 -18.60 -10.01
N SER B 194 8.28 -19.24 -9.34
CA SER B 194 8.81 -18.70 -8.09
C SER B 194 9.91 -17.63 -8.31
N SER B 195 10.06 -16.75 -7.34
CA SER B 195 11.16 -15.79 -7.36
C SER B 195 11.39 -15.26 -5.96
N TYR B 196 12.65 -15.15 -5.57
CA TYR B 196 13.00 -14.56 -4.29
C TYR B 196 12.82 -13.06 -4.37
N LEU B 197 12.24 -12.50 -3.31
CA LEU B 197 12.12 -11.06 -3.14
C LEU B 197 13.49 -10.47 -2.87
N GLU B 198 13.86 -9.47 -3.65
CA GLU B 198 15.19 -8.89 -3.52
C GLU B 198 15.38 -8.25 -2.15
N TYR B 199 14.44 -7.40 -1.78
CA TYR B 199 14.53 -6.65 -0.54
C TYR B 199 14.58 -7.57 0.67
N MET B 200 13.77 -8.62 0.66
CA MET B 200 13.52 -9.40 1.86
C MET B 200 13.90 -10.88 1.77
N LYS B 201 14.49 -11.28 0.65
CA LYS B 201 15.10 -12.60 0.51
C LYS B 201 14.21 -13.77 0.96
N VAL B 202 12.91 -13.67 0.64
CA VAL B 202 11.96 -14.74 0.93
C VAL B 202 11.29 -15.14 -0.39
N VAL B 203 10.74 -16.33 -0.46
CA VAL B 203 10.18 -16.81 -1.73
C VAL B 203 8.79 -16.25 -2.02
N ASP B 204 8.67 -15.58 -3.15
CA ASP B 204 7.38 -15.16 -3.68
C ASP B 204 7.15 -15.92 -4.98
N GLY B 205 6.14 -15.51 -5.76
CA GLY B 205 5.85 -16.18 -7.00
C GLY B 205 4.81 -15.46 -7.83
N LEU B 206 4.80 -15.73 -9.12
CA LEU B 206 3.72 -15.27 -9.99
C LEU B 206 2.92 -16.47 -10.43
N GLU B 207 1.60 -16.30 -10.51
CA GLU B 207 0.76 -17.36 -11.04
C GLU B 207 0.43 -17.05 -12.48
N LYS B 208 0.65 -18.02 -13.35
CA LYS B 208 0.20 -17.91 -14.72
C LYS B 208 -1.05 -18.77 -14.83
N ALA B 209 -2.14 -18.17 -15.29
CA ALA B 209 -3.42 -18.86 -15.37
C ALA B 209 -4.06 -18.65 -16.73
N ILE B 210 -4.10 -19.71 -17.53
CA ILE B 210 -4.60 -19.64 -18.89
C ILE B 210 -6.08 -20.01 -18.91
N TYR B 211 -6.90 -19.09 -19.36
CA TYR B 211 -8.34 -19.27 -19.37
C TYR B 211 -8.71 -20.36 -20.37
N GLN B 212 -9.61 -21.25 -19.98
CA GLN B 212 -9.98 -22.36 -20.85
C GLN B 212 -11.37 -22.17 -21.44
N GLY B 213 -12.08 -21.15 -20.98
CA GLY B 213 -13.48 -20.96 -21.33
C GLY B 213 -14.35 -21.25 -20.12
N PRO B 214 -15.64 -20.90 -20.21
CA PRO B 214 -16.56 -21.08 -19.07
C PRO B 214 -16.83 -22.55 -18.75
N SER B 215 -17.09 -22.85 -17.49
CA SER B 215 -17.48 -24.20 -17.09
C SER B 215 -18.82 -24.58 -17.71
N SER B 216 -18.91 -25.79 -18.27
CA SER B 216 -20.13 -26.27 -18.94
C SER B 216 -21.27 -26.54 -17.95
N PRO B 217 -22.51 -26.15 -18.32
CA PRO B 217 -23.66 -26.50 -17.47
C PRO B 217 -23.87 -28.03 -17.42
N ASP B 218 -24.36 -28.52 -16.29
CA ASP B 218 -24.62 -29.95 -16.11
C ASP B 218 -25.68 -30.47 -17.07
N LYS B 219 -25.42 -31.63 -17.67
CA LYS B 219 -26.23 -32.15 -18.76
C LYS B 219 -27.37 -33.08 -18.32
N SER B 220 -27.86 -33.85 -19.29
CA SER B 220 -28.96 -34.78 -19.08
C SER B 220 -28.60 -35.85 -18.06
C3' NHE C . -7.51 1.39 0.82
C2' NHE C . -7.71 0.01 0.23
C1' NHE C . -6.68 -0.99 0.72
C6' NHE C . -5.26 -0.50 0.51
N NHE C . -6.94 -2.29 0.12
C1 NHE C . -5.72 -3.02 -0.07
C2 NHE C . -6.03 -4.47 0.22
S NHE C . -4.64 -5.53 -0.07
O1 NHE C . -3.70 -5.56 1.10
O2 NHE C . -3.77 -5.08 -1.21
O3 NHE C . -5.23 -6.90 -0.32
C5' NHE C . -5.02 0.83 1.17
C4' NHE C . -6.07 1.88 0.79
C01 6PM D . -1.16 9.62 3.51
C01 6PM D . -1.19 9.37 3.40
C02 6PM D . -2.05 9.25 4.52
C02 6PM D . -1.96 8.94 4.49
C06 6PM D . -0.15 11.70 2.75
C06 6PM D . -0.33 11.50 2.60
C07 6PM D . -3.32 10.60 6.38
C07 6PM D . -3.06 10.22 6.51
N09 6PM D . -3.70 7.46 5.48
N09 6PM D . -3.68 7.14 5.29
C11 6PM D . -2.78 5.57 4.94
C11 6PM D . -2.56 5.27 5.30
C13 6PM D . -2.58 4.10 4.81
C13 6PM D . -2.26 3.82 5.49
C15 6PM D . -3.69 3.39 5.49
C15 6PM D . -3.49 3.02 5.25
C16 6PM D . -1.73 2.88 2.81
C16 6PM D . 0.12 3.15 5.03
C17 6PM D . -1.73 2.65 1.39
C17 6PM D . 1.16 2.70 4.15
C18 6PM D . -2.60 3.39 0.56
C18 6PM D . 0.87 2.45 2.79
C19 6PM D . -3.44 4.34 1.07
C19 6PM D . -0.41 2.63 2.32
C20 6PM D . -3.44 4.56 2.48
C20 6PM D . -1.45 3.07 3.20
C22 6PM D . -2.09 1.88 -1.17
C22 6PM D . 1.47 1.07 0.96
C03 6PM D . -2.38 10.45 5.19
C03 6PM D . -2.24 10.14 5.21
N04 6PM D . -1.70 11.41 4.58
N04 6PM D . -1.66 11.13 4.57
N05 6PM D . -0.99 10.93 3.61
N05 6PM D . -1.06 10.69 3.52
C08 6PM D . -2.58 7.76 4.84
C08 6PM D . -2.45 7.46 4.89
N10 6PM D . -3.81 6.19 5.53
N10 6PM D . -3.73 5.88 5.52
C12 6PM D . -1.94 6.57 4.46
C12 6PM D . -1.68 6.28 4.87
C14 6PM D . -2.58 3.81 3.33
C14 6PM D . -1.16 3.34 4.56
O21 6PM D . -2.59 3.16 -0.83
O21 6PM D . 1.88 2.01 1.93
NA NA E . 2.91 -0.17 10.06
NA NA F . 18.82 13.45 17.52
C3' NHE G . 0.17 6.58 -4.23
C2' NHE G . 1.22 7.14 -3.28
C1' NHE G . 2.18 6.08 -2.77
C6' NHE G . 1.48 4.86 -2.23
N NHE G . 3.12 6.66 -1.82
C1 NHE G . 3.61 5.72 -0.85
C2 NHE G . 5.12 5.69 -0.90
S NHE G . 5.85 4.74 0.42
O1 NHE G . 6.36 3.43 -0.05
O2 NHE G . 6.95 5.60 0.96
O3 NHE G . 4.84 4.36 1.47
C5' NHE G . 0.58 4.24 -3.28
C4' NHE G . -0.41 5.23 -3.86
C01 6PM H . -6.82 -0.62 -7.09
C01 6PM H . -6.95 -0.73 -7.31
C02 6PM H . -5.98 -0.27 -8.14
C02 6PM H . -6.07 -0.32 -8.32
C06 6PM H . -9.18 -1.20 -6.87
C06 6PM H . -9.26 -1.48 -7.21
C07 6PM H . -6.35 -0.01 -10.74
C07 6PM H . -6.32 -0.05 -10.93
N09 6PM H . -3.83 1.05 -8.82
N09 6PM H . -3.87 0.95 -8.95
C11 6PM H . -2.22 0.11 -7.69
C11 6PM H . -2.50 0.46 -7.34
C13 6PM H . -0.83 -0.16 -7.21
C13 6PM H . -1.26 0.44 -6.53
C15 6PM H . -0.05 1.09 -7.18
C15 6PM H . -0.20 1.21 -7.21
C16 6PM H . -0.74 -2.11 -5.63
C16 6PM H . -1.18 0.65 -4.04
C17 6PM H . -0.80 -2.67 -4.31
C17 6PM H . -1.63 1.27 -2.84
C18 6PM H . -0.98 -1.82 -3.20
C18 6PM H . -2.56 2.32 -2.89
C19 6PM H . -1.10 -0.46 -3.38
C19 6PM H . -3.05 2.77 -4.08
C20 6PM H . -1.06 0.09 -4.70
C20 6PM H . -2.61 2.16 -5.28
C22 6PM H . -0.93 -3.75 -1.85
C22 6PM H . -2.16 2.59 -0.61
C03 6PM H . -6.79 -0.32 -9.30
C03 6PM H . -6.82 -0.40 -9.52
N04 6PM H . -8.01 -0.66 -8.90
N04 6PM H . -8.03 -0.83 -9.19
N05 6PM H . -8.03 -0.83 -7.62
N05 6PM H . -8.10 -1.02 -7.91
C08 6PM H . -4.40 0.08 -8.11
C08 6PM H . -4.54 0.15 -8.13
N10 6PM H . -2.58 1.06 -8.56
N10 6PM H . -2.70 1.12 -8.49
C12 6PM H . -3.39 -0.58 -7.36
C12 6PM H . -3.70 -0.20 -7.05
C14 6PM H . -0.88 -0.76 -5.80
C14 6PM H . -1.66 1.09 -5.23
O21 6PM H . -1.03 -2.35 -1.90
O21 6PM H . -2.97 2.93 -1.70
NA NA I . -7.45 -24.86 -12.65
NA NA J . 3.82 -6.52 -7.11
#